data_7WAB
#
_entry.id   7WAB
#
_cell.length_a   144.517
_cell.length_b   144.517
_cell.length_c   56.542
_cell.angle_alpha   90.000
_cell.angle_beta   90.000
_cell.angle_gamma   90.000
#
_symmetry.space_group_name_H-M   'P 4 21 2'
#
loop_
_entity.id
_entity.type
_entity.pdbx_description
1 polymer 'COMPASS (Complex proteins associated with Set1p) component shg1 family protein'
2 branched alpha-D-mannopyranose-(1-2)-alpha-D-mannopyranose-(1-2)-alpha-D-mannopyranose-(1-3)-beta-D-mannopyranose-(1-4)-2-acetamido-2-deoxy-beta-D-glucopyranose-(1-4)-2-acetamido-2-deoxy-beta-D-glucopyranose
3 branched 2-acetamido-2-deoxy-beta-D-glucopyranose-(1-4)-2-acetamido-2-deoxy-beta-D-glucopyranose
4 non-polymer 2-acetamido-2-deoxy-beta-D-glucopyranose
5 water water
#
_entity_poly.entity_id   1
_entity_poly.type   'polypeptide(L)'
_entity_poly.pdbx_seq_one_letter_code
;TTGEAYFEQLLDHHNPEKGTFSQRYWWSTEYWGGPGSPVVLFNPGEVSADGYEGYLTNDTLTGVYAQEIQGAVILIEHRY
WGDSSPYEVLNAETLQYLTLDQSILDMTYFAETVKLQFDNSSRSNAQNAPWVMVGGSYSGALTAWTESIAPGTFWAYHAT
SAPVEAIYDFWQYFYPIQQGMAQNCSKDVSLVAEYVDKIGKNGTAKEQQELKELFGLGAVEHYDDFAAVLPNGPYLWQDN
DFVTGYSSFFQFCDAVEGVEAGAAVTPGPEGVGLEKALANYANWFNSTILPNYCASYGYWTDEWSVACFDSYNASSPIFT
DTSVGNPVDRQWEWFLCNEPFFWWQDGAPEGTSTIVPRLVSASYWQRQCPLYFPEVNGYTYGSAKGKNSATVNSWTGGWD
MTRNTTRLIWTNGQYDPWRDSGVSSTFRPGGPLVSTANEPVQIIPGGFHCSDLYMEDYYANEGVRKVVDNEVKQIKEWVE
EYYA
;
_entity_poly.pdbx_strand_id   A
#
loop_
_chem_comp.id
_chem_comp.type
_chem_comp.name
_chem_comp.formula
BMA D-saccharide, beta linking beta-D-mannopyranose 'C6 H12 O6'
MAN D-saccharide, alpha linking alpha-D-mannopyranose 'C6 H12 O6'
NAG D-saccharide, beta linking 2-acetamido-2-deoxy-beta-D-glucopyranose 'C8 H15 N O6'
#
# COMPACT_ATOMS: atom_id res chain seq x y z
N THR A 1 7.12 27.15 11.97
CA THR A 1 5.93 27.54 11.21
C THR A 1 5.77 26.57 10.03
N THR A 2 4.65 26.68 9.33
CA THR A 2 4.33 25.77 8.24
C THR A 2 4.01 26.57 6.99
N GLY A 3 4.20 25.93 5.84
CA GLY A 3 3.66 26.49 4.63
C GLY A 3 3.55 25.43 3.56
N GLU A 4 3.30 25.89 2.34
CA GLU A 4 3.22 25.00 1.18
C GLU A 4 3.71 25.75 -0.04
N ALA A 5 4.20 25.01 -1.03
CA ALA A 5 4.82 25.65 -2.19
C ALA A 5 4.76 24.69 -3.36
N TYR A 6 5.26 25.14 -4.50
CA TYR A 6 5.42 24.29 -5.68
C TYR A 6 6.86 24.19 -6.11
N PHE A 7 7.28 22.99 -6.51
CA PHE A 7 8.59 22.77 -7.12
C PHE A 7 8.42 22.50 -8.61
N GLU A 8 9.28 23.10 -9.44
CA GLU A 8 9.20 22.89 -10.88
C GLU A 8 9.93 21.60 -11.24
N GLN A 9 9.17 20.51 -11.36
CA GLN A 9 9.70 19.17 -11.53
C GLN A 9 9.86 18.85 -13.01
N LEU A 10 10.86 18.04 -13.34
CA LEU A 10 11.03 17.62 -14.73
C LEU A 10 9.99 16.58 -15.12
N LEU A 11 9.28 16.81 -16.23
CA LEU A 11 8.35 15.80 -16.72
C LEU A 11 9.08 14.48 -16.97
N ASP A 12 10.19 14.55 -17.69
CA ASP A 12 10.99 13.39 -18.07
C ASP A 12 12.42 13.70 -17.67
N HIS A 13 12.91 13.07 -16.60
CA HIS A 13 14.26 13.38 -16.15
C HIS A 13 15.31 13.01 -17.19
N HIS A 14 14.99 12.12 -18.11
CA HIS A 14 15.92 11.71 -19.12
C HIS A 14 15.95 12.67 -20.30
N ASN A 15 15.00 13.60 -20.38
CA ASN A 15 14.86 14.48 -21.55
C ASN A 15 14.31 15.79 -21.03
N PRO A 16 15.17 16.63 -20.44
CA PRO A 16 14.67 17.87 -19.82
C PRO A 16 13.97 18.80 -20.78
N GLU A 17 14.28 18.72 -22.08
CA GLU A 17 13.66 19.62 -23.05
C GLU A 17 12.15 19.45 -23.11
N LYS A 18 11.64 18.29 -22.67
CA LYS A 18 10.20 18.07 -22.57
C LYS A 18 9.53 18.95 -21.52
N GLY A 19 10.28 19.64 -20.69
CA GLY A 19 9.72 20.66 -19.84
C GLY A 19 9.37 20.17 -18.45
N THR A 20 8.60 20.99 -17.75
CA THR A 20 8.37 20.82 -16.33
C THR A 20 6.88 20.83 -16.01
N PHE A 21 6.54 20.36 -14.82
CA PHE A 21 5.22 20.55 -14.23
C PHE A 21 5.42 20.89 -12.77
N SER A 22 4.39 21.46 -12.13
CA SER A 22 4.53 21.95 -10.76
C SER A 22 4.09 20.89 -9.77
N GLN A 23 4.96 20.59 -8.83
CA GLN A 23 4.76 19.53 -7.86
C GLN A 23 4.58 20.15 -6.48
N ARG A 24 3.48 19.79 -5.81
CA ARG A 24 3.13 20.42 -4.54
C ARG A 24 3.95 19.84 -3.38
N TYR A 25 4.40 20.70 -2.47
CA TYR A 25 4.93 20.20 -1.21
C TYR A 25 4.54 21.12 -0.07
N TRP A 26 4.53 20.52 1.13
CA TRP A 26 4.27 21.24 2.38
C TRP A 26 5.49 21.09 3.28
N TRP A 27 5.65 22.03 4.20
CA TRP A 27 6.84 21.98 5.04
C TRP A 27 6.50 22.49 6.43
N SER A 28 7.29 22.05 7.41
CA SER A 28 7.20 22.58 8.76
C SER A 28 8.59 22.75 9.36
N THR A 29 8.82 23.90 10.01
CA THR A 29 10.04 24.15 10.75
C THR A 29 9.82 24.09 12.26
N GLU A 30 8.79 23.38 12.72
CA GLU A 30 8.47 23.38 14.14
C GLU A 30 9.68 22.95 14.98
N TYR A 31 10.43 21.96 14.49
CA TYR A 31 11.58 21.42 15.21
C TYR A 31 12.91 21.79 14.57
N TRP A 32 12.90 22.60 13.53
CA TRP A 32 14.10 22.85 12.73
C TRP A 32 15.13 23.65 13.51
N GLY A 33 16.38 23.20 13.44
CA GLY A 33 17.46 23.92 14.09
C GLY A 33 18.16 24.96 13.23
N GLY A 34 17.57 25.37 12.12
CA GLY A 34 18.13 26.43 11.31
C GLY A 34 18.91 25.92 10.12
N PRO A 35 19.33 26.81 9.23
CA PRO A 35 20.07 26.39 8.03
C PRO A 35 21.22 25.43 8.38
N GLY A 36 21.32 24.35 7.61
CA GLY A 36 22.32 23.33 7.87
C GLY A 36 21.80 22.16 8.67
N SER A 37 20.62 22.29 9.26
CA SER A 37 20.00 21.23 10.04
C SER A 37 19.45 20.17 9.10
N PRO A 38 19.07 19.01 9.65
CA PRO A 38 18.54 17.95 8.79
C PRO A 38 17.20 18.30 8.19
N VAL A 39 16.85 17.56 7.14
CA VAL A 39 15.55 17.65 6.49
C VAL A 39 14.98 16.24 6.42
N VAL A 40 13.78 16.05 6.98
CA VAL A 40 13.09 14.77 6.89
C VAL A 40 12.10 14.89 5.73
N LEU A 41 12.20 13.98 4.76
CA LEU A 41 11.35 14.04 3.58
C LEU A 41 10.43 12.83 3.57
N PHE A 42 9.13 13.08 3.37
CA PHE A 42 8.15 12.01 3.44
C PHE A 42 7.22 12.19 2.25
N ASN A 43 7.04 11.13 1.46
CA ASN A 43 6.16 11.14 0.29
C ASN A 43 4.98 10.27 0.65
N PRO A 44 3.75 10.78 0.71
CA PRO A 44 2.63 9.91 1.16
C PRO A 44 2.31 8.81 0.17
N GLY A 45 2.91 8.84 -1.02
CA GLY A 45 2.88 7.69 -1.92
C GLY A 45 1.64 7.70 -2.79
N GLU A 46 0.91 6.59 -2.78
CA GLU A 46 -0.11 6.26 -3.78
C GLU A 46 -1.39 7.08 -3.63
N VAL A 47 -1.31 8.33 -3.15
CA VAL A 47 -2.49 9.09 -2.76
C VAL A 47 -2.19 10.59 -2.89
N SER A 48 -3.25 11.37 -3.08
CA SER A 48 -3.16 12.81 -2.89
C SER A 48 -2.74 13.10 -1.45
N ALA A 49 -1.87 14.09 -1.29
CA ALA A 49 -1.22 14.34 -0.01
C ALA A 49 -1.97 15.31 0.89
N ASP A 50 -3.14 15.80 0.46
CA ASP A 50 -3.78 16.91 1.17
C ASP A 50 -4.19 16.50 2.59
N GLY A 51 -4.69 15.28 2.77
CA GLY A 51 -5.12 14.85 4.08
C GLY A 51 -4.02 14.29 4.97
N TYR A 52 -2.80 14.82 4.83
CA TYR A 52 -1.62 14.24 5.46
C TYR A 52 -0.86 15.25 6.31
N GLU A 53 -1.53 16.31 6.77
CA GLU A 53 -0.89 17.33 7.59
C GLU A 53 -0.16 16.74 8.78
N GLY A 54 -0.74 15.71 9.39
CA GLY A 54 -0.20 15.12 10.60
C GLY A 54 1.24 14.65 10.49
N TYR A 55 1.72 14.35 9.28
CA TYR A 55 3.10 13.91 9.14
C TYR A 55 4.10 15.03 9.39
N LEU A 56 3.65 16.28 9.46
CA LEU A 56 4.51 17.36 9.88
C LEU A 56 4.69 17.43 11.39
N THR A 57 3.84 16.73 12.15
CA THR A 57 3.80 16.79 13.61
C THR A 57 4.34 15.50 14.23
N ASN A 58 4.76 15.60 15.49
CA ASN A 58 5.29 14.43 16.19
C ASN A 58 4.21 13.47 16.68
N ASP A 59 2.98 13.63 16.19
CA ASP A 59 1.98 12.58 16.22
C ASP A 59 2.34 11.43 15.28
N THR A 60 3.26 11.66 14.38
CA THR A 60 3.71 10.65 13.43
C THR A 60 5.22 10.47 13.57
N LEU A 61 5.74 9.39 12.97
CA LEU A 61 7.15 9.08 13.16
C LEU A 61 8.04 10.13 12.49
N THR A 62 7.59 10.69 11.39
CA THR A 62 8.37 11.73 10.71
C THR A 62 8.58 12.93 11.62
N GLY A 63 7.54 13.32 12.36
CA GLY A 63 7.69 14.41 13.30
C GLY A 63 8.63 14.06 14.44
N VAL A 64 8.57 12.81 14.90
CA VAL A 64 9.42 12.36 16.00
C VAL A 64 10.88 12.40 15.56
N TYR A 65 11.16 11.90 14.36
CA TYR A 65 12.50 12.01 13.78
C TYR A 65 12.96 13.47 13.79
N ALA A 66 12.09 14.37 13.31
CA ALA A 66 12.49 15.77 13.17
C ALA A 66 12.81 16.39 14.52
N GLN A 67 11.97 16.12 15.51
CA GLN A 67 12.22 16.66 16.84
C GLN A 67 13.51 16.10 17.42
N GLU A 68 13.83 14.85 17.12
CA GLU A 68 15.03 14.23 17.67
C GLU A 68 16.31 14.80 17.09
N ILE A 69 16.31 15.20 15.82
CA ILE A 69 17.51 15.63 15.12
C ILE A 69 17.48 17.12 14.81
N GLN A 70 16.50 17.86 15.31
CA GLN A 70 16.28 19.27 14.95
C GLN A 70 16.09 19.48 13.43
N GLY A 71 15.30 18.62 12.80
CA GLY A 71 15.11 18.66 11.37
C GLY A 71 13.87 19.45 10.98
N ALA A 72 13.88 19.98 9.77
CA ALA A 72 12.64 20.40 9.11
C ALA A 72 11.90 19.16 8.61
N VAL A 73 10.59 19.28 8.38
CA VAL A 73 9.82 18.20 7.76
C VAL A 73 9.24 18.72 6.46
N ILE A 74 9.39 17.94 5.40
CA ILE A 74 8.81 18.25 4.09
C ILE A 74 7.93 17.08 3.69
N LEU A 75 6.71 17.39 3.29
CA LEU A 75 5.76 16.44 2.72
C LEU A 75 5.64 16.75 1.24
N ILE A 76 6.00 15.80 0.38
CA ILE A 76 5.99 16.03 -1.06
C ILE A 76 4.93 15.15 -1.71
N GLU A 77 4.07 15.77 -2.52
CA GLU A 77 3.01 15.03 -3.19
C GLU A 77 3.60 14.34 -4.42
N HIS A 78 3.30 13.06 -4.58
CA HIS A 78 3.86 12.26 -5.67
C HIS A 78 3.37 12.75 -7.04
N ARG A 79 4.25 12.68 -8.04
CA ARG A 79 3.84 13.06 -9.39
C ARG A 79 2.58 12.29 -9.80
N TYR A 80 1.65 13.00 -10.44
CA TYR A 80 0.40 12.50 -10.99
C TYR A 80 -0.70 12.36 -9.95
N TRP A 81 -0.44 12.64 -8.67
CA TRP A 81 -1.52 12.71 -7.69
C TRP A 81 -1.86 14.16 -7.38
N GLY A 82 -3.15 14.43 -7.14
CA GLY A 82 -3.54 15.72 -6.58
C GLY A 82 -3.14 16.88 -7.46
N ASP A 83 -2.46 17.87 -6.86
CA ASP A 83 -2.01 19.06 -7.59
C ASP A 83 -0.61 18.89 -8.16
N SER A 84 -0.16 17.65 -8.33
CA SER A 84 1.17 17.38 -8.86
C SER A 84 1.07 16.60 -10.15
N SER A 85 0.01 16.83 -10.90
CA SER A 85 -0.11 16.08 -12.13
C SER A 85 0.21 16.99 -13.33
N PRO A 86 0.97 16.47 -14.28
CA PRO A 86 1.23 17.25 -15.50
C PRO A 86 0.06 17.31 -16.43
N TYR A 87 -0.95 16.43 -16.27
CA TYR A 87 -2.08 16.40 -17.19
C TYR A 87 -3.40 16.37 -16.44
N GLU A 88 -4.45 16.81 -17.12
CA GLU A 88 -5.78 16.77 -16.55
C GLU A 88 -6.47 15.45 -16.83
N VAL A 89 -5.93 14.64 -17.74
CA VAL A 89 -6.53 13.39 -18.17
C VAL A 89 -5.48 12.29 -18.07
N LEU A 90 -5.81 11.18 -17.42
CA LEU A 90 -4.85 10.10 -17.21
C LEU A 90 -5.23 8.89 -18.08
N ASN A 91 -4.43 8.64 -19.13
CA ASN A 91 -4.65 7.49 -20.03
C ASN A 91 -3.28 6.92 -20.39
N ALA A 92 -3.27 5.86 -21.22
CA ALA A 92 -2.02 5.14 -21.45
C ALA A 92 -0.97 6.03 -22.09
N GLU A 93 -1.41 7.09 -22.78
CA GLU A 93 -0.45 8.05 -23.34
C GLU A 93 0.06 9.03 -22.29
N THR A 94 -0.83 9.75 -21.62
CA THR A 94 -0.38 10.75 -20.65
C THR A 94 0.31 10.12 -19.43
N LEU A 95 -0.03 8.86 -19.06
CA LEU A 95 0.66 8.20 -17.94
C LEU A 95 2.03 7.64 -18.32
N GLN A 96 2.51 7.86 -19.55
CA GLN A 96 3.79 7.28 -19.93
C GLN A 96 4.93 7.69 -18.99
N TYR A 97 4.85 8.89 -18.39
CA TYR A 97 5.92 9.35 -17.50
C TYR A 97 5.65 9.04 -16.04
N LEU A 98 4.57 8.31 -15.74
CA LEU A 98 4.33 7.83 -14.37
C LEU A 98 5.06 6.51 -14.22
N THR A 99 6.37 6.58 -13.99
CA THR A 99 7.18 5.38 -13.83
C THR A 99 7.98 5.47 -12.53
N LEU A 100 8.54 4.33 -12.13
CA LEU A 100 9.31 4.31 -10.91
C LEU A 100 10.60 5.13 -11.05
N ASP A 101 11.30 5.03 -12.19
CA ASP A 101 12.53 5.80 -12.31
C ASP A 101 12.26 7.30 -12.26
N GLN A 102 11.18 7.77 -12.89
CA GLN A 102 10.86 9.19 -12.81
C GLN A 102 10.54 9.58 -11.38
N SER A 103 9.82 8.71 -10.66
CA SER A 103 9.45 8.99 -9.29
C SER A 103 10.66 9.02 -8.36
N ILE A 104 11.68 8.20 -8.62
CA ILE A 104 12.89 8.23 -7.81
C ILE A 104 13.67 9.52 -8.09
N LEU A 105 13.87 9.83 -9.37
CA LEU A 105 14.64 11.00 -9.72
C LEU A 105 13.90 12.28 -9.33
N ASP A 106 12.57 12.25 -9.22
CA ASP A 106 11.85 13.41 -8.67
C ASP A 106 12.38 13.76 -7.30
N MET A 107 12.59 12.75 -6.47
CA MET A 107 13.00 12.95 -5.08
C MET A 107 14.43 13.45 -5.00
N THR A 108 15.35 12.82 -5.73
CA THR A 108 16.73 13.31 -5.62
C THR A 108 16.84 14.70 -6.24
N TYR A 109 16.13 14.94 -7.36
CA TYR A 109 16.23 16.25 -8.01
C TYR A 109 15.69 17.33 -7.11
N PHE A 110 14.57 17.05 -6.44
CA PHE A 110 13.98 17.98 -5.49
C PHE A 110 14.96 18.32 -4.37
N ALA A 111 15.51 17.30 -3.71
CA ALA A 111 16.38 17.51 -2.56
C ALA A 111 17.63 18.29 -2.96
N GLU A 112 18.14 18.03 -4.17
CA GLU A 112 19.34 18.69 -4.65
C GLU A 112 19.10 20.15 -5.05
N THR A 113 17.88 20.53 -5.44
CA THR A 113 17.71 21.81 -6.12
C THR A 113 16.56 22.69 -5.63
N VAL A 114 15.68 22.23 -4.72
CA VAL A 114 14.55 23.04 -4.31
C VAL A 114 15.03 24.31 -3.58
N LYS A 115 14.33 25.41 -3.81
CA LYS A 115 14.58 26.67 -3.09
C LYS A 115 13.52 26.78 -2.00
N LEU A 116 13.89 26.42 -0.78
CA LEU A 116 12.94 26.38 0.31
C LEU A 116 12.67 27.79 0.84
N GLN A 117 11.39 28.09 1.09
CA GLN A 117 11.02 29.43 1.53
C GLN A 117 11.63 29.76 2.88
N PHE A 118 11.91 28.74 3.69
CA PHE A 118 12.46 28.95 5.03
C PHE A 118 13.99 28.97 5.06
N ASP A 119 14.66 28.63 3.96
CA ASP A 119 16.10 28.83 3.87
C ASP A 119 16.48 29.16 2.42
N ASN A 120 16.60 30.45 2.13
CA ASN A 120 16.88 30.92 0.78
C ASN A 120 18.29 30.60 0.31
N SER A 121 19.20 30.24 1.21
CA SER A 121 20.53 29.83 0.80
C SER A 121 20.50 28.41 0.26
N SER A 122 21.68 27.88 -0.08
CA SER A 122 21.81 26.48 -0.44
C SER A 122 22.02 25.58 0.79
N ARG A 123 22.07 26.18 1.98
CA ARG A 123 22.54 25.49 3.18
C ARG A 123 21.64 24.38 3.63
N SER A 124 20.40 24.31 3.13
CA SER A 124 19.46 23.26 3.51
C SER A 124 19.19 22.26 2.40
N ASN A 125 19.82 22.43 1.24
CA ASN A 125 19.64 21.41 0.22
C ASN A 125 20.52 20.21 0.53
N ALA A 126 20.29 19.12 -0.22
CA ALA A 126 20.89 17.84 0.16
C ALA A 126 22.40 17.79 -0.05
N GLN A 127 22.97 18.66 -0.88
CA GLN A 127 24.44 18.70 -0.95
C GLN A 127 25.08 19.28 0.29
N ASN A 128 24.33 19.98 1.11
CA ASN A 128 24.90 20.74 2.21
C ASN A 128 24.33 20.39 3.58
N ALA A 129 23.29 19.56 3.63
CA ALA A 129 22.63 19.19 4.88
C ALA A 129 22.12 17.77 4.72
N PRO A 130 21.96 17.03 5.81
CA PRO A 130 21.59 15.61 5.68
C PRO A 130 20.09 15.46 5.51
N TRP A 131 19.68 14.87 4.39
CA TRP A 131 18.27 14.60 4.16
C TRP A 131 17.96 13.15 4.52
N VAL A 132 16.91 12.95 5.32
CA VAL A 132 16.48 11.61 5.74
C VAL A 132 15.18 11.30 5.03
N MET A 133 15.17 10.29 4.17
CA MET A 133 13.98 9.96 3.40
C MET A 133 13.24 8.88 4.17
N VAL A 134 11.95 9.09 4.42
CA VAL A 134 11.16 8.18 5.22
C VAL A 134 9.93 7.79 4.40
N GLY A 135 9.56 6.52 4.41
CA GLY A 135 8.39 6.09 3.64
C GLY A 135 7.76 4.85 4.23
N GLY A 136 6.44 4.76 4.11
CA GLY A 136 5.72 3.55 4.45
C GLY A 136 4.95 3.06 3.24
N SER A 137 4.70 1.75 3.19
CA SER A 137 3.90 1.15 2.09
C SER A 137 4.67 1.41 0.77
N TYR A 138 3.98 1.74 -0.32
CA TYR A 138 4.69 1.96 -1.58
C TYR A 138 5.75 3.04 -1.43
N SER A 139 5.47 4.11 -0.69
CA SER A 139 6.52 5.13 -0.55
C SER A 139 7.72 4.62 0.25
N GLY A 140 7.55 3.61 1.09
CA GLY A 140 8.71 2.97 1.70
C GLY A 140 9.54 2.21 0.69
N ALA A 141 8.90 1.60 -0.31
CA ALA A 141 9.69 0.97 -1.36
C ALA A 141 10.36 2.04 -2.21
N LEU A 142 9.63 3.12 -2.51
CA LEU A 142 10.26 4.24 -3.20
C LEU A 142 11.49 4.69 -2.45
N THR A 143 11.38 4.75 -1.12
CA THR A 143 12.52 5.14 -0.29
C THR A 143 13.67 4.13 -0.42
N ALA A 144 13.39 2.84 -0.22
CA ALA A 144 14.48 1.87 -0.36
C ALA A 144 15.04 1.84 -1.77
N TRP A 145 14.16 1.86 -2.78
CA TRP A 145 14.64 1.82 -4.16
C TRP A 145 15.48 3.04 -4.51
N THR A 146 15.25 4.17 -3.84
CA THR A 146 16.09 5.34 -4.10
C THR A 146 17.52 5.09 -3.62
N GLU A 147 17.67 4.51 -2.43
CA GLU A 147 19.00 4.11 -1.95
C GLU A 147 19.63 3.12 -2.93
N SER A 148 18.82 2.25 -3.53
CA SER A 148 19.36 1.24 -4.44
C SER A 148 19.80 1.85 -5.76
N ILE A 149 18.95 2.68 -6.36
CA ILE A 149 19.08 3.15 -7.74
C ILE A 149 19.83 4.46 -7.82
N ALA A 150 19.60 5.36 -6.88
CA ALA A 150 20.14 6.72 -6.95
C ALA A 150 20.73 7.16 -5.63
N PRO A 151 21.68 6.39 -5.06
CA PRO A 151 22.28 6.80 -3.79
C PRO A 151 23.15 8.05 -3.98
N GLY A 152 23.48 8.69 -2.87
CA GLY A 152 24.40 9.81 -2.89
C GLY A 152 23.74 11.16 -2.75
N THR A 153 22.41 11.24 -2.79
CA THR A 153 21.77 12.52 -2.50
C THR A 153 21.24 12.54 -1.06
N PHE A 154 20.33 11.63 -0.75
CA PHE A 154 19.86 11.48 0.62
C PHE A 154 20.98 10.94 1.49
N TRP A 155 20.92 11.32 2.78
CA TRP A 155 21.90 10.85 3.75
C TRP A 155 21.47 9.55 4.41
N ALA A 156 20.18 9.38 4.69
CA ALA A 156 19.71 8.18 5.37
C ALA A 156 18.27 7.91 4.96
N TYR A 157 17.84 6.67 5.21
CA TYR A 157 16.60 6.13 4.71
C TYR A 157 15.93 5.25 5.75
N HIS A 158 14.61 5.37 5.87
CA HIS A 158 13.83 4.40 6.66
C HIS A 158 12.66 3.91 5.83
N ALA A 159 12.59 2.60 5.63
CA ALA A 159 11.50 1.96 4.88
C ALA A 159 10.70 1.06 5.80
N THR A 160 9.42 1.38 6.00
CA THR A 160 8.55 0.55 6.82
C THR A 160 7.44 -0.05 5.95
N SER A 161 7.19 -1.35 6.13
CA SER A 161 6.24 -2.10 5.33
C SER A 161 6.41 -1.88 3.81
N ALA A 162 7.67 -2.03 3.30
CA ALA A 162 7.94 -1.63 1.94
C ALA A 162 7.84 -2.81 0.98
N PRO A 163 7.02 -2.70 -0.07
CA PRO A 163 6.91 -3.77 -1.08
C PRO A 163 8.03 -3.67 -2.11
N VAL A 164 9.26 -4.06 -1.71
CA VAL A 164 10.36 -3.87 -2.65
C VAL A 164 10.46 -4.96 -3.70
N GLU A 165 9.69 -6.06 -3.59
CA GLU A 165 9.71 -7.17 -4.55
C GLU A 165 8.41 -7.19 -5.36
N ALA A 166 8.48 -6.96 -6.68
CA ALA A 166 7.28 -7.15 -7.52
C ALA A 166 6.95 -8.63 -7.61
N ILE A 167 5.65 -8.96 -7.46
CA ILE A 167 5.16 -10.34 -7.47
C ILE A 167 3.86 -10.35 -8.24
N TYR A 168 3.75 -11.24 -9.22
CA TYR A 168 2.54 -11.35 -10.06
C TYR A 168 1.35 -11.93 -9.29
N ASP A 169 1.47 -13.16 -8.85
CA ASP A 169 0.40 -13.87 -8.15
C ASP A 169 0.69 -13.70 -6.67
N PHE A 170 0.32 -12.53 -6.14
CA PHE A 170 0.61 -12.16 -4.74
C PHE A 170 -0.46 -12.71 -3.81
N TRP A 171 -0.63 -14.03 -3.87
CA TRP A 171 -1.54 -14.68 -2.94
C TRP A 171 -1.07 -14.52 -1.51
N GLN A 172 0.22 -14.25 -1.30
CA GLN A 172 0.79 -14.13 0.02
C GLN A 172 0.30 -12.88 0.75
N TYR A 173 -0.35 -11.94 0.04
CA TYR A 173 -1.00 -10.81 0.67
C TYR A 173 -1.84 -11.28 1.84
N PHE A 174 -2.54 -12.41 1.65
CA PHE A 174 -3.48 -12.88 2.65
C PHE A 174 -2.85 -13.78 3.69
N TYR A 175 -1.59 -14.19 3.47
CA TYR A 175 -0.99 -15.17 4.39
C TYR A 175 -0.78 -14.58 5.78
N PRO A 176 -0.28 -13.36 5.96
CA PRO A 176 -0.13 -12.84 7.34
C PRO A 176 -1.45 -12.59 8.00
N ILE A 177 -2.49 -12.31 7.22
CA ILE A 177 -3.82 -12.14 7.80
C ILE A 177 -4.32 -13.46 8.36
N GLN A 178 -4.17 -14.54 7.58
CA GLN A 178 -4.50 -15.88 8.05
C GLN A 178 -3.72 -16.23 9.30
N GLN A 179 -2.45 -15.81 9.39
CA GLN A 179 -1.64 -16.10 10.57
C GLN A 179 -2.07 -15.26 11.77
N GLY A 180 -2.53 -14.04 11.56
CA GLY A 180 -2.81 -13.18 12.69
C GLY A 180 -4.23 -13.32 13.21
N MET A 181 -5.15 -13.71 12.33
CA MET A 181 -6.53 -13.83 12.78
C MET A 181 -6.73 -15.05 13.68
N ALA A 182 -7.87 -15.03 14.38
CA ALA A 182 -8.23 -16.10 15.30
C ALA A 182 -8.38 -17.42 14.56
N GLN A 183 -8.05 -18.51 15.25
CA GLN A 183 -8.07 -19.83 14.65
C GLN A 183 -9.45 -20.20 14.12
N ASN A 184 -10.51 -19.95 14.90
CA ASN A 184 -11.83 -20.38 14.43
C ASN A 184 -12.26 -19.58 13.21
N CYS A 185 -12.08 -18.26 13.24
CA CYS A 185 -12.37 -17.43 12.07
C CYS A 185 -11.59 -17.89 10.85
N SER A 186 -10.29 -18.15 11.02
CA SER A 186 -9.46 -18.54 9.89
C SER A 186 -9.99 -19.82 9.26
N LYS A 187 -10.22 -20.83 10.09
CA LYS A 187 -10.77 -22.09 9.62
C LYS A 187 -12.09 -21.89 8.89
N ASP A 188 -13.02 -21.13 9.48
CA ASP A 188 -14.34 -20.98 8.87
C ASP A 188 -14.30 -20.14 7.59
N VAL A 189 -13.50 -19.07 7.56
CA VAL A 189 -13.36 -18.30 6.34
C VAL A 189 -12.79 -19.18 5.23
N SER A 190 -11.80 -20.02 5.55
CA SER A 190 -11.25 -20.93 4.54
C SER A 190 -12.31 -21.91 4.06
N LEU A 191 -13.15 -22.42 4.98
CA LEU A 191 -14.21 -23.32 4.52
C LEU A 191 -15.12 -22.64 3.51
N VAL A 192 -15.49 -21.37 3.79
CA VAL A 192 -16.38 -20.66 2.89
C VAL A 192 -15.70 -20.37 1.57
N ALA A 193 -14.44 -19.92 1.62
CA ALA A 193 -13.73 -19.62 0.37
C ALA A 193 -13.64 -20.84 -0.51
N GLU A 194 -13.34 -22.00 0.09
CA GLU A 194 -13.17 -23.21 -0.70
C GLU A 194 -14.52 -23.72 -1.21
N TYR A 195 -15.59 -23.51 -0.43
CA TYR A 195 -16.94 -23.84 -0.92
C TYR A 195 -17.31 -22.97 -2.11
N VAL A 196 -17.00 -21.68 -2.04
CA VAL A 196 -17.24 -20.81 -3.19
C VAL A 196 -16.49 -21.32 -4.42
N ASP A 197 -15.25 -21.78 -4.25
CA ASP A 197 -14.50 -22.35 -5.37
C ASP A 197 -15.19 -23.61 -5.90
N LYS A 198 -15.63 -24.51 -5.01
CA LYS A 198 -16.26 -25.74 -5.46
C LYS A 198 -17.47 -25.46 -6.31
N ILE A 199 -18.28 -24.50 -5.87
CA ILE A 199 -19.53 -24.22 -6.57
C ILE A 199 -19.23 -23.54 -7.90
N GLY A 200 -18.20 -22.68 -7.94
CA GLY A 200 -17.80 -22.10 -9.21
C GLY A 200 -17.23 -23.11 -10.18
N LYS A 201 -16.44 -24.06 -9.67
CA LYS A 201 -15.72 -25.00 -10.53
C LYS A 201 -16.55 -26.23 -10.87
N ASN A 202 -17.31 -26.74 -9.91
CA ASN A 202 -18.02 -28.00 -10.08
C ASN A 202 -19.55 -27.92 -9.93
N GLY A 203 -20.09 -26.78 -9.49
CA GLY A 203 -21.51 -26.70 -9.25
C GLY A 203 -22.31 -26.38 -10.50
N THR A 204 -23.59 -26.68 -10.43
CA THR A 204 -24.49 -26.40 -11.54
C THR A 204 -24.81 -24.91 -11.59
N ALA A 205 -25.44 -24.49 -12.70
CA ALA A 205 -25.87 -23.11 -12.81
C ALA A 205 -26.86 -22.73 -11.71
N LYS A 206 -27.79 -23.64 -11.40
CA LYS A 206 -28.76 -23.35 -10.33
C LYS A 206 -28.06 -23.22 -8.98
N GLU A 207 -27.04 -24.05 -8.74
CA GLU A 207 -26.26 -23.92 -7.51
C GLU A 207 -25.52 -22.59 -7.45
N GLN A 208 -24.93 -22.15 -8.58
CA GLN A 208 -24.19 -20.90 -8.59
C GLN A 208 -25.11 -19.73 -8.36
N GLN A 209 -26.27 -19.70 -9.03
CA GLN A 209 -27.12 -18.55 -8.88
C GLN A 209 -27.66 -18.47 -7.46
N GLU A 210 -28.00 -19.62 -6.89
CA GLU A 210 -28.57 -19.62 -5.55
C GLU A 210 -27.53 -19.16 -4.51
N LEU A 211 -26.27 -19.56 -4.68
CA LEU A 211 -25.23 -19.10 -3.77
C LEU A 211 -25.05 -17.58 -3.84
N LYS A 212 -25.03 -17.02 -5.07
CA LYS A 212 -24.98 -15.56 -5.20
C LYS A 212 -26.13 -14.88 -4.46
N GLU A 213 -27.35 -15.41 -4.55
CA GLU A 213 -28.46 -14.73 -3.88
C GLU A 213 -28.31 -14.70 -2.36
N LEU A 214 -27.64 -15.71 -1.78
CA LEU A 214 -27.41 -15.73 -0.33
C LEU A 214 -26.73 -14.43 0.11
N PHE A 215 -25.84 -13.90 -0.73
CA PHE A 215 -25.07 -12.71 -0.46
C PHE A 215 -25.78 -11.45 -0.91
N GLY A 216 -26.96 -11.56 -1.51
CA GLY A 216 -27.59 -10.37 -2.06
C GLY A 216 -27.11 -10.01 -3.43
N LEU A 217 -26.37 -10.91 -4.06
CA LEU A 217 -25.67 -10.60 -5.31
C LEU A 217 -26.24 -11.39 -6.48
N GLY A 218 -27.54 -11.72 -6.43
CA GLY A 218 -28.11 -12.49 -7.52
C GLY A 218 -27.96 -11.83 -8.89
N ALA A 219 -27.85 -10.49 -8.91
CA ALA A 219 -27.75 -9.77 -10.18
C ALA A 219 -26.33 -9.66 -10.69
N VAL A 220 -25.35 -10.13 -9.92
CA VAL A 220 -23.97 -10.16 -10.40
C VAL A 220 -23.83 -11.32 -11.38
N GLU A 221 -23.49 -11.01 -12.63
CA GLU A 221 -23.63 -12.04 -13.66
C GLU A 221 -22.39 -12.93 -13.80
N HIS A 222 -21.19 -12.44 -13.44
CA HIS A 222 -19.98 -13.24 -13.60
C HIS A 222 -19.55 -13.80 -12.26
N TYR A 223 -19.36 -15.12 -12.20
CA TYR A 223 -19.10 -15.77 -10.91
C TYR A 223 -17.86 -15.24 -10.22
N ASP A 224 -16.80 -14.92 -11.00
CA ASP A 224 -15.58 -14.47 -10.38
C ASP A 224 -15.77 -13.10 -9.73
N ASP A 225 -16.71 -12.29 -10.26
CA ASP A 225 -17.03 -11.02 -9.60
C ASP A 225 -17.71 -11.26 -8.26
N PHE A 226 -18.58 -12.27 -8.16
CA PHE A 226 -19.11 -12.69 -6.86
C PHE A 226 -17.97 -13.19 -5.96
N ALA A 227 -17.10 -14.06 -6.47
CA ALA A 227 -16.05 -14.60 -5.61
C ALA A 227 -15.16 -13.48 -5.06
N ALA A 228 -14.93 -12.44 -5.88
CA ALA A 228 -14.07 -11.33 -5.49
C ALA A 228 -14.63 -10.46 -4.36
N VAL A 229 -15.90 -10.63 -3.97
CA VAL A 229 -16.40 -9.87 -2.80
C VAL A 229 -16.02 -10.54 -1.48
N LEU A 230 -15.71 -11.85 -1.49
CA LEU A 230 -15.40 -12.52 -0.22
C LEU A 230 -14.19 -11.94 0.47
N PRO A 231 -13.12 -11.52 -0.24
CA PRO A 231 -11.99 -10.91 0.46
C PRO A 231 -12.32 -9.63 1.21
N ASN A 232 -13.52 -9.06 1.06
CA ASN A 232 -13.83 -7.82 1.79
C ASN A 232 -13.70 -8.03 3.30
N GLY A 233 -13.88 -9.24 3.79
CA GLY A 233 -13.72 -9.49 5.21
C GLY A 233 -12.25 -9.44 5.57
N PRO A 234 -11.45 -10.31 4.98
CA PRO A 234 -9.99 -10.26 5.24
C PRO A 234 -9.33 -8.90 4.99
N TYR A 235 -9.77 -8.18 3.97
CA TYR A 235 -9.16 -6.87 3.68
C TYR A 235 -9.28 -5.90 4.86
N LEU A 236 -10.28 -6.07 5.72
CA LEU A 236 -10.40 -5.17 6.86
C LEU A 236 -9.21 -5.29 7.81
N TRP A 237 -8.44 -6.37 7.72
CA TRP A 237 -7.26 -6.51 8.56
C TRP A 237 -6.24 -5.41 8.27
N GLN A 238 -6.25 -4.92 7.05
CA GLN A 238 -5.39 -3.82 6.63
C GLN A 238 -5.69 -2.53 7.38
N ASP A 239 -6.90 -2.38 7.94
CA ASP A 239 -7.26 -1.17 8.67
C ASP A 239 -6.94 -1.27 10.16
N ASN A 240 -6.43 -2.40 10.61
CA ASN A 240 -6.12 -2.55 12.04
C ASN A 240 -4.86 -1.78 12.39
N ASP A 241 -4.83 -1.23 13.58
CA ASP A 241 -3.57 -0.87 14.23
C ASP A 241 -3.74 -1.15 15.71
N PHE A 242 -2.80 -0.70 16.53
CA PHE A 242 -2.87 -1.10 17.92
C PHE A 242 -3.88 -0.30 18.72
N VAL A 243 -4.57 0.65 18.08
CA VAL A 243 -5.59 1.41 18.77
C VAL A 243 -6.97 1.28 18.14
N THR A 244 -7.14 0.41 17.15
CA THR A 244 -8.47 0.31 16.56
C THR A 244 -9.44 -0.56 17.35
N GLY A 245 -8.98 -1.24 18.41
CA GLY A 245 -9.89 -1.87 19.35
C GLY A 245 -10.71 -2.97 18.70
N TYR A 246 -12.02 -2.95 19.00
CA TYR A 246 -12.98 -3.88 18.43
C TYR A 246 -13.38 -3.32 17.06
N SER A 247 -12.49 -3.54 16.11
CA SER A 247 -12.49 -2.88 14.81
C SER A 247 -13.44 -3.58 13.83
N SER A 248 -13.56 -3.01 12.63
CA SER A 248 -14.39 -3.62 11.60
C SER A 248 -13.98 -5.07 11.34
N PHE A 249 -12.68 -5.36 11.35
CA PHE A 249 -12.24 -6.72 11.11
C PHE A 249 -12.76 -7.67 12.18
N PHE A 250 -12.57 -7.31 13.45
CA PHE A 250 -12.98 -8.20 14.51
C PHE A 250 -14.51 -8.34 14.52
N GLN A 251 -15.23 -7.31 14.08
CA GLN A 251 -16.67 -7.46 13.92
C GLN A 251 -17.00 -8.50 12.84
N PHE A 252 -16.24 -8.49 11.75
CA PHE A 252 -16.42 -9.47 10.68
C PHE A 252 -16.23 -10.89 11.22
N CYS A 253 -15.18 -11.12 12.00
CA CYS A 253 -14.96 -12.48 12.48
C CYS A 253 -16.04 -12.89 13.47
N ASP A 254 -16.50 -11.98 14.33
CA ASP A 254 -17.60 -12.35 15.23
C ASP A 254 -18.85 -12.73 14.44
N ALA A 255 -19.13 -11.99 13.35
CA ALA A 255 -20.27 -12.32 12.51
C ALA A 255 -20.14 -13.72 11.91
N VAL A 256 -18.96 -14.03 11.36
CA VAL A 256 -18.74 -15.36 10.80
C VAL A 256 -18.96 -16.43 11.87
N GLU A 257 -18.48 -16.18 13.09
CA GLU A 257 -18.63 -17.11 14.21
C GLU A 257 -20.03 -17.08 14.84
N GLY A 258 -20.92 -16.23 14.33
CA GLY A 258 -22.29 -16.27 14.77
C GLY A 258 -22.56 -15.69 16.15
N VAL A 259 -21.70 -14.82 16.63
CA VAL A 259 -21.85 -14.23 17.95
C VAL A 259 -21.99 -12.71 17.85
N GLU A 260 -22.78 -12.15 18.77
CA GLU A 260 -22.88 -10.71 18.93
C GLU A 260 -21.70 -10.22 19.77
N ALA A 261 -21.35 -8.93 19.61
CA ALA A 261 -20.30 -8.33 20.43
C ALA A 261 -20.47 -8.64 21.92
N GLY A 262 -19.37 -9.06 22.55
CA GLY A 262 -19.43 -9.32 23.98
C GLY A 262 -20.13 -10.57 24.41
N ALA A 263 -20.42 -11.49 23.48
CA ALA A 263 -21.22 -12.66 23.83
C ALA A 263 -20.52 -13.50 24.87
N ALA A 264 -21.32 -14.05 25.80
CA ALA A 264 -20.83 -14.93 26.85
C ALA A 264 -20.31 -16.26 26.31
N VAL A 265 -20.96 -16.80 25.29
CA VAL A 265 -20.61 -18.09 24.72
C VAL A 265 -20.03 -17.87 23.33
N THR A 266 -18.86 -18.42 23.09
CA THR A 266 -18.22 -18.30 21.78
C THR A 266 -17.71 -19.67 21.35
N PRO A 267 -17.62 -19.93 20.04
CA PRO A 267 -17.04 -21.20 19.62
C PRO A 267 -15.59 -21.30 20.03
N GLY A 268 -15.11 -22.54 20.18
CA GLY A 268 -13.70 -22.76 20.39
C GLY A 268 -12.92 -22.60 19.10
N PRO A 269 -11.66 -23.06 19.07
CA PRO A 269 -10.86 -22.91 17.84
C PRO A 269 -11.43 -23.68 16.67
N GLU A 270 -12.32 -24.64 16.90
CA GLU A 270 -12.85 -25.42 15.78
C GLU A 270 -13.87 -24.64 14.96
N GLY A 271 -14.33 -23.48 15.44
CA GLY A 271 -15.25 -22.68 14.65
C GLY A 271 -16.63 -23.30 14.64
N VAL A 272 -17.46 -22.81 13.73
CA VAL A 272 -18.88 -23.20 13.66
C VAL A 272 -19.20 -24.15 12.53
N GLY A 273 -18.28 -24.39 11.60
CA GLY A 273 -18.51 -25.30 10.50
C GLY A 273 -19.08 -24.59 9.27
N LEU A 274 -19.01 -25.29 8.13
CA LEU A 274 -19.29 -24.65 6.85
C LEU A 274 -20.70 -24.08 6.78
N GLU A 275 -21.70 -24.89 7.17
CA GLU A 275 -23.08 -24.48 6.96
C GLU A 275 -23.40 -23.16 7.68
N LYS A 276 -23.09 -23.08 8.97
CA LYS A 276 -23.31 -21.83 9.69
C LYS A 276 -22.37 -20.72 9.20
N ALA A 277 -21.09 -21.03 8.97
CA ALA A 277 -20.15 -20.01 8.55
C ALA A 277 -20.58 -19.39 7.22
N LEU A 278 -21.03 -20.22 6.29
CA LEU A 278 -21.52 -19.70 5.01
C LEU A 278 -22.71 -18.78 5.21
N ALA A 279 -23.70 -19.23 5.99
CA ALA A 279 -24.91 -18.43 6.22
C ALA A 279 -24.57 -17.10 6.88
N ASN A 280 -23.65 -17.13 7.84
CA ASN A 280 -23.23 -15.93 8.57
C ASN A 280 -22.43 -14.99 7.69
N TYR A 281 -21.52 -15.55 6.87
CA TYR A 281 -20.70 -14.74 5.97
C TYR A 281 -21.56 -14.07 4.92
N ALA A 282 -22.56 -14.81 4.40
CA ALA A 282 -23.46 -14.29 3.39
C ALA A 282 -24.25 -13.12 3.94
N ASN A 283 -24.81 -13.29 5.13
CA ASN A 283 -25.63 -12.25 5.71
C ASN A 283 -24.80 -11.04 6.12
N TRP A 284 -23.60 -11.29 6.67
CA TRP A 284 -22.69 -10.19 6.96
C TRP A 284 -22.44 -9.34 5.71
N PHE A 285 -22.13 -9.97 4.60
CA PHE A 285 -21.86 -9.15 3.42
C PHE A 285 -23.15 -8.44 2.99
N ASN A 286 -24.24 -9.18 2.92
CA ASN A 286 -25.50 -8.67 2.38
C ASN A 286 -26.00 -7.48 3.19
N SER A 287 -25.82 -7.51 4.50
CA SER A 287 -26.43 -6.53 5.37
C SER A 287 -25.48 -5.44 5.85
N THR A 288 -24.19 -5.74 5.96
CA THR A 288 -23.21 -4.79 6.49
C THR A 288 -22.33 -4.16 5.43
N ILE A 289 -22.02 -4.86 4.36
CA ILE A 289 -21.08 -4.38 3.36
C ILE A 289 -21.79 -3.84 2.13
N LEU A 290 -22.77 -4.59 1.62
CA LEU A 290 -23.39 -4.22 0.35
C LEU A 290 -24.10 -2.88 0.41
N PRO A 291 -24.89 -2.53 1.43
CA PRO A 291 -25.64 -1.27 1.35
C PRO A 291 -24.69 -0.07 1.18
N ASN A 292 -24.98 0.73 0.16
CA ASN A 292 -24.25 1.93 -0.21
C ASN A 292 -22.79 1.67 -0.60
N TYR A 293 -22.42 0.41 -0.87
CA TYR A 293 -21.04 0.12 -1.29
C TYR A 293 -20.74 0.74 -2.64
N CYS A 294 -21.60 0.51 -3.63
CA CYS A 294 -21.35 1.09 -4.94
C CYS A 294 -21.54 2.60 -4.92
N ALA A 295 -22.44 3.10 -4.08
CA ALA A 295 -22.70 4.53 -4.01
C ALA A 295 -21.49 5.29 -3.46
N SER A 296 -20.65 4.63 -2.65
CA SER A 296 -19.47 5.30 -2.13
C SER A 296 -18.53 5.74 -3.25
N TYR A 297 -18.60 5.11 -4.43
CA TYR A 297 -17.77 5.55 -5.54
C TYR A 297 -18.25 6.86 -6.17
N GLY A 298 -19.43 7.37 -5.83
CA GLY A 298 -19.98 8.58 -6.42
C GLY A 298 -20.69 8.38 -7.74
N TYR A 299 -20.29 7.39 -8.53
CA TYR A 299 -20.90 7.18 -9.85
C TYR A 299 -22.34 6.70 -9.75
N TRP A 300 -22.69 6.03 -8.66
CA TRP A 300 -24.00 5.45 -8.46
C TRP A 300 -24.60 6.02 -7.17
N THR A 301 -25.92 5.98 -7.08
CA THR A 301 -26.65 6.50 -5.94
C THR A 301 -27.53 5.47 -5.26
N ASP A 302 -27.93 4.41 -5.98
CA ASP A 302 -28.83 3.42 -5.42
C ASP A 302 -28.17 2.63 -4.30
N GLU A 303 -28.87 2.50 -3.18
CA GLU A 303 -28.30 1.86 -1.99
C GLU A 303 -27.87 0.42 -2.28
N TRP A 304 -28.64 -0.30 -3.10
CA TRP A 304 -28.41 -1.71 -3.31
C TRP A 304 -27.81 -2.01 -4.67
N SER A 305 -27.21 -1.01 -5.30
CA SER A 305 -26.59 -1.23 -6.60
C SER A 305 -25.52 -2.29 -6.49
N VAL A 306 -25.42 -3.15 -7.50
CA VAL A 306 -24.27 -4.04 -7.64
C VAL A 306 -23.44 -3.68 -8.87
N ALA A 307 -23.66 -2.51 -9.46
CA ALA A 307 -22.94 -2.16 -10.68
C ALA A 307 -21.43 -2.14 -10.46
N CYS A 308 -20.99 -1.71 -9.27
CA CYS A 308 -19.56 -1.56 -9.04
C CYS A 308 -18.84 -2.90 -8.92
N PHE A 309 -19.57 -4.02 -8.85
CA PHE A 309 -18.90 -5.33 -8.79
C PHE A 309 -18.66 -5.94 -10.14
N ASP A 310 -19.21 -5.36 -11.20
CA ASP A 310 -19.13 -5.94 -12.53
C ASP A 310 -17.82 -5.50 -13.18
N SER A 311 -16.79 -6.35 -13.07
CA SER A 311 -15.48 -6.02 -13.62
C SER A 311 -15.36 -6.37 -15.10
N TYR A 312 -16.43 -6.86 -15.72
CA TYR A 312 -16.42 -7.19 -17.14
C TYR A 312 -17.07 -6.10 -18.01
N ASN A 313 -17.59 -5.05 -17.41
CA ASN A 313 -18.23 -3.93 -18.11
C ASN A 313 -17.15 -2.91 -18.47
N ALA A 314 -16.64 -2.99 -19.71
CA ALA A 314 -15.63 -2.03 -20.17
C ALA A 314 -16.10 -0.58 -20.12
N SER A 315 -17.41 -0.34 -20.11
CA SER A 315 -17.94 1.01 -20.01
C SER A 315 -18.14 1.49 -18.58
N SER A 316 -17.76 0.68 -17.58
CA SER A 316 -17.98 1.09 -16.20
C SER A 316 -17.17 2.35 -15.89
N PRO A 317 -17.73 3.30 -15.15
CA PRO A 317 -16.95 4.50 -14.78
C PRO A 317 -15.74 4.17 -13.93
N ILE A 318 -15.72 3.02 -13.28
CA ILE A 318 -14.51 2.63 -12.56
C ILE A 318 -13.33 2.58 -13.53
N PHE A 319 -13.56 2.10 -14.75
CA PHE A 319 -12.50 2.02 -15.74
C PHE A 319 -12.37 3.26 -16.61
N THR A 320 -13.48 3.98 -16.86
CA THR A 320 -13.46 5.06 -17.84
C THR A 320 -13.20 6.43 -17.24
N ASP A 321 -13.27 6.59 -15.92
CA ASP A 321 -12.96 7.86 -15.26
C ASP A 321 -11.46 8.13 -15.39
N THR A 322 -11.06 9.13 -16.20
CA THR A 322 -9.63 9.44 -16.40
C THR A 322 -9.18 10.69 -15.63
N SER A 323 -9.99 11.17 -14.69
CA SER A 323 -9.69 12.39 -13.97
C SER A 323 -8.65 12.17 -12.88
N VAL A 324 -7.89 13.23 -12.57
CA VAL A 324 -6.84 13.13 -11.56
C VAL A 324 -7.44 12.78 -10.20
N GLY A 325 -8.55 13.43 -9.84
CA GLY A 325 -9.20 13.16 -8.56
C GLY A 325 -10.26 12.08 -8.61
N ASN A 326 -9.91 10.96 -9.15
CA ASN A 326 -10.78 9.81 -9.25
C ASN A 326 -10.81 9.02 -7.94
N PRO A 327 -11.89 8.31 -7.67
CA PRO A 327 -11.99 7.53 -6.43
C PRO A 327 -11.57 6.07 -6.56
N VAL A 328 -10.92 5.66 -7.65
CA VAL A 328 -10.52 4.28 -7.85
C VAL A 328 -9.00 4.09 -7.85
N ASP A 329 -8.25 5.10 -7.44
CA ASP A 329 -6.78 5.13 -7.54
C ASP A 329 -6.29 4.57 -8.87
N ARG A 330 -6.71 5.27 -9.90
CA ARG A 330 -6.29 4.93 -11.25
C ARG A 330 -4.78 5.03 -11.41
N GLN A 331 -4.17 6.02 -10.77
CA GLN A 331 -2.72 6.21 -10.83
C GLN A 331 -1.98 4.99 -10.31
N TRP A 332 -2.48 4.42 -9.22
CA TRP A 332 -1.84 3.24 -8.68
C TRP A 332 -2.06 2.04 -9.59
N GLU A 333 -3.28 1.86 -10.09
CA GLU A 333 -3.51 0.78 -11.05
C GLU A 333 -2.54 0.86 -12.24
N TRP A 334 -2.18 2.08 -12.69
CA TRP A 334 -1.17 2.23 -13.74
C TRP A 334 0.16 1.61 -13.32
N PHE A 335 0.65 1.93 -12.12
CA PHE A 335 1.90 1.33 -11.66
C PHE A 335 1.79 -0.19 -11.67
N LEU A 336 0.66 -0.73 -11.20
CA LEU A 336 0.51 -2.18 -11.10
C LEU A 336 0.62 -2.82 -12.48
N CYS A 337 -0.12 -2.24 -13.46
CA CYS A 337 -0.16 -2.75 -14.84
C CYS A 337 1.06 -2.36 -15.66
N ASN A 338 1.68 -1.21 -15.40
CA ASN A 338 2.69 -0.70 -16.31
C ASN A 338 4.13 -0.93 -15.86
N GLU A 339 4.43 -0.81 -14.57
CA GLU A 339 5.84 -0.86 -14.16
C GLU A 339 6.53 -2.17 -14.57
N PRO A 340 5.95 -3.36 -14.35
CA PRO A 340 4.72 -3.65 -13.59
C PRO A 340 5.02 -4.18 -12.22
N PHE A 341 4.28 -3.70 -11.23
CA PHE A 341 4.37 -4.31 -9.91
C PHE A 341 3.43 -5.51 -9.74
N PHE A 342 2.22 -5.40 -10.30
CA PHE A 342 1.13 -6.37 -10.21
C PHE A 342 0.54 -6.45 -8.80
N TRP A 343 1.19 -7.25 -7.95
CA TRP A 343 0.75 -7.56 -6.58
C TRP A 343 -0.70 -8.01 -6.55
N TRP A 344 -1.07 -8.86 -7.51
CA TRP A 344 -2.47 -9.26 -7.61
C TRP A 344 -2.88 -10.08 -6.38
N GLN A 345 -3.98 -9.72 -5.74
CA GLN A 345 -4.33 -10.26 -4.43
C GLN A 345 -5.28 -11.44 -4.62
N ASP A 346 -4.70 -12.65 -4.57
CA ASP A 346 -5.27 -13.88 -5.09
C ASP A 346 -5.44 -14.95 -4.02
N GLY A 347 -6.31 -15.92 -4.32
CA GLY A 347 -6.32 -17.16 -3.56
C GLY A 347 -5.03 -17.93 -3.73
N ALA A 348 -4.69 -18.73 -2.71
CA ALA A 348 -3.41 -19.42 -2.68
C ALA A 348 -3.37 -20.57 -3.69
N PRO A 349 -2.18 -21.05 -4.05
CA PRO A 349 -2.12 -22.15 -5.01
C PRO A 349 -2.67 -23.44 -4.43
N GLU A 350 -3.12 -24.32 -5.34
CA GLU A 350 -3.56 -25.66 -4.98
C GLU A 350 -2.54 -26.30 -4.05
N GLY A 351 -3.03 -26.96 -3.00
CA GLY A 351 -2.18 -27.57 -2.00
C GLY A 351 -1.79 -26.67 -0.84
N THR A 352 -2.11 -25.38 -0.90
CA THR A 352 -1.82 -24.43 0.16
C THR A 352 -3.15 -23.88 0.67
N SER A 353 -3.36 -23.92 1.99
CA SER A 353 -4.62 -23.41 2.51
C SER A 353 -4.78 -21.93 2.17
N THR A 354 -6.02 -21.52 1.97
CA THR A 354 -6.32 -20.19 1.48
C THR A 354 -7.50 -19.64 2.28
N ILE A 355 -7.46 -18.34 2.57
CA ILE A 355 -8.64 -17.70 3.15
C ILE A 355 -9.42 -16.87 2.15
N VAL A 356 -9.05 -16.88 0.87
CA VAL A 356 -9.88 -16.23 -0.16
C VAL A 356 -10.01 -17.22 -1.32
N PRO A 357 -11.05 -17.08 -2.15
CA PRO A 357 -11.29 -18.12 -3.16
C PRO A 357 -10.17 -18.15 -4.18
N ARG A 358 -9.75 -19.36 -4.56
CA ARG A 358 -8.72 -19.47 -5.60
C ARG A 358 -9.23 -18.93 -6.93
N LEU A 359 -10.54 -18.82 -7.10
CA LEU A 359 -11.09 -18.22 -8.32
C LEU A 359 -10.80 -16.74 -8.40
N VAL A 360 -10.41 -16.11 -7.29
CA VAL A 360 -9.88 -14.76 -7.36
C VAL A 360 -8.41 -14.94 -7.70
N SER A 361 -8.09 -14.87 -9.00
CA SER A 361 -6.82 -15.33 -9.54
C SER A 361 -6.07 -14.17 -10.17
N ALA A 362 -4.75 -14.35 -10.39
CA ALA A 362 -4.01 -13.28 -11.06
C ALA A 362 -4.66 -12.90 -12.39
N SER A 363 -5.13 -13.88 -13.15
CA SER A 363 -5.69 -13.58 -14.46
C SER A 363 -6.95 -12.74 -14.33
N TYR A 364 -7.71 -12.92 -13.25
CA TYR A 364 -8.90 -12.11 -13.02
C TYR A 364 -8.56 -10.64 -12.87
N TRP A 365 -7.48 -10.34 -12.15
CA TRP A 365 -7.06 -8.94 -12.03
C TRP A 365 -6.37 -8.44 -13.28
N GLN A 366 -5.48 -9.25 -13.85
CA GLN A 366 -4.72 -8.79 -15.01
C GLN A 366 -5.67 -8.44 -16.15
N ARG A 367 -6.80 -9.16 -16.25
CA ARG A 367 -7.78 -8.93 -17.28
C ARG A 367 -8.31 -7.53 -17.27
N GLN A 368 -8.21 -6.84 -16.12
CA GLN A 368 -8.77 -5.49 -16.01
C GLN A 368 -7.82 -4.40 -16.49
N CYS A 369 -6.53 -4.69 -16.61
CA CYS A 369 -5.60 -3.66 -17.09
C CYS A 369 -6.04 -3.00 -18.40
N PRO A 370 -6.46 -3.74 -19.43
CA PRO A 370 -6.86 -3.08 -20.68
C PRO A 370 -8.25 -2.45 -20.62
N LEU A 371 -9.00 -2.69 -19.56
CA LEU A 371 -10.25 -1.97 -19.30
C LEU A 371 -9.97 -0.61 -18.66
N TYR A 372 -9.07 -0.57 -17.67
CA TYR A 372 -8.58 0.71 -17.19
C TYR A 372 -7.88 1.49 -18.28
N PHE A 373 -6.99 0.84 -19.03
CA PHE A 373 -6.06 1.53 -19.93
C PHE A 373 -6.15 1.02 -21.36
N PRO A 374 -7.22 1.36 -22.07
CA PRO A 374 -7.28 1.02 -23.49
C PRO A 374 -6.21 1.76 -24.26
N GLU A 375 -5.81 1.18 -25.37
CA GLU A 375 -4.74 1.81 -26.14
C GLU A 375 -5.16 3.19 -26.62
N VAL A 376 -4.25 4.16 -26.50
CA VAL A 376 -4.48 5.55 -26.89
C VAL A 376 -3.30 6.03 -27.74
N ASN A 377 -3.58 6.39 -29.00
CA ASN A 377 -2.54 6.90 -29.90
C ASN A 377 -1.29 6.04 -29.90
N GLY A 378 -1.47 4.71 -29.89
CA GLY A 378 -0.33 3.82 -29.97
C GLY A 378 0.31 3.49 -28.64
N TYR A 379 -0.16 4.05 -27.54
CA TYR A 379 0.44 3.84 -26.22
C TYR A 379 -0.34 2.78 -25.47
N THR A 380 0.39 1.93 -24.73
CA THR A 380 -0.25 0.90 -23.92
C THR A 380 0.53 0.80 -22.63
N TYR A 381 0.17 -0.17 -21.79
CA TYR A 381 0.79 -0.35 -20.48
C TYR A 381 1.88 -1.43 -20.57
N GLY A 382 2.88 -1.33 -19.69
CA GLY A 382 4.09 -2.14 -19.80
C GLY A 382 3.88 -3.64 -19.81
N SER A 383 2.97 -4.16 -18.96
CA SER A 383 2.81 -5.62 -18.97
C SER A 383 2.23 -6.14 -20.29
N ALA A 384 1.48 -5.32 -21.05
CA ALA A 384 1.06 -5.76 -22.37
C ALA A 384 2.24 -5.86 -23.33
N LYS A 385 3.28 -5.09 -23.06
CA LYS A 385 4.46 -5.14 -23.90
C LYS A 385 5.37 -6.31 -23.59
N GLY A 386 5.08 -7.07 -22.54
CA GLY A 386 5.84 -8.22 -22.11
C GLY A 386 6.73 -7.99 -20.93
N LYS A 387 6.76 -6.77 -20.38
CA LYS A 387 7.49 -6.58 -19.12
C LYS A 387 6.84 -7.41 -18.02
N ASN A 388 7.66 -7.87 -17.06
CA ASN A 388 7.13 -8.71 -15.99
C ASN A 388 7.81 -8.30 -14.68
N SER A 389 7.53 -9.05 -13.60
CA SER A 389 8.11 -8.69 -12.31
C SER A 389 9.63 -8.66 -12.34
N ALA A 390 10.24 -9.60 -13.06
CA ALA A 390 11.70 -9.64 -13.04
C ALA A 390 12.31 -8.45 -13.75
N THR A 391 11.61 -7.86 -14.73
CA THR A 391 12.07 -6.60 -15.32
C THR A 391 12.32 -5.53 -14.25
N VAL A 392 11.42 -5.43 -13.29
CA VAL A 392 11.56 -4.50 -12.17
C VAL A 392 12.60 -5.00 -11.18
N ASN A 393 12.46 -6.25 -10.72
CA ASN A 393 13.31 -6.72 -9.63
C ASN A 393 14.76 -6.84 -10.03
N SER A 394 15.04 -7.17 -11.29
CA SER A 394 16.45 -7.28 -11.68
C SER A 394 17.11 -5.90 -11.78
N TRP A 395 16.31 -4.83 -11.94
CA TRP A 395 16.80 -3.47 -11.92
C TRP A 395 17.01 -2.97 -10.48
N THR A 396 15.93 -2.98 -9.69
CA THR A 396 16.01 -2.45 -8.32
C THR A 396 16.79 -3.39 -7.42
N GLY A 397 16.82 -4.67 -7.74
CA GLY A 397 17.30 -5.68 -6.81
C GLY A 397 16.21 -6.39 -6.03
N GLY A 398 14.98 -5.90 -6.09
CA GLY A 398 13.89 -6.52 -5.36
C GLY A 398 14.22 -6.62 -3.88
N TRP A 399 13.72 -7.69 -3.24
CA TRP A 399 14.10 -7.88 -1.84
C TRP A 399 15.56 -8.32 -1.68
N ASP A 400 16.35 -8.41 -2.75
CA ASP A 400 17.79 -8.65 -2.65
C ASP A 400 18.60 -7.38 -2.83
N MET A 401 17.96 -6.23 -2.93
CA MET A 401 18.61 -4.93 -2.86
C MET A 401 19.29 -4.70 -1.50
N THR A 402 19.15 -5.65 -0.57
CA THR A 402 19.78 -5.59 0.75
C THR A 402 21.29 -5.87 0.72
N ARG A 403 21.86 -6.23 -0.43
CA ARG A 403 23.23 -6.73 -0.50
C ARG A 403 24.23 -5.79 0.14
N ASN A 404 24.33 -4.57 -0.38
CA ASN A 404 25.37 -3.62 0.04
C ASN A 404 24.69 -2.25 0.20
N THR A 405 24.08 -2.03 1.37
CA THR A 405 23.37 -0.78 1.64
C THR A 405 24.15 0.11 2.62
N THR A 406 23.78 1.39 2.63
CA THR A 406 24.38 2.35 3.56
C THR A 406 23.29 3.24 4.13
N ARG A 407 23.18 3.24 5.47
CA ARG A 407 22.31 4.15 6.21
C ARG A 407 20.84 3.96 5.83
N LEU A 408 20.45 2.70 5.66
CA LEU A 408 19.07 2.35 5.39
C LEU A 408 18.62 1.41 6.48
N ILE A 409 17.51 1.73 7.14
CA ILE A 409 16.95 0.86 8.16
C ILE A 409 15.57 0.43 7.70
N TRP A 410 15.18 -0.79 8.05
CA TRP A 410 13.90 -1.38 7.66
C TRP A 410 13.03 -1.70 8.86
N THR A 411 11.73 -1.51 8.71
CA THR A 411 10.75 -2.02 9.66
C THR A 411 9.68 -2.80 8.92
N ASN A 412 9.22 -3.89 9.53
CA ASN A 412 8.12 -4.67 8.98
C ASN A 412 7.21 -5.11 10.10
N GLY A 413 6.00 -5.54 9.73
CA GLY A 413 4.99 -5.98 10.69
C GLY A 413 4.75 -7.48 10.60
N GLN A 414 4.68 -8.13 11.78
CA GLN A 414 4.52 -9.58 11.78
C GLN A 414 3.32 -10.01 10.96
N TYR A 415 2.21 -9.26 11.07
CA TYR A 415 0.98 -9.62 10.37
C TYR A 415 0.59 -8.55 9.36
N ASP A 416 1.57 -7.90 8.77
CA ASP A 416 1.33 -6.95 7.70
C ASP A 416 0.95 -7.68 6.43
N PRO A 417 -0.20 -7.39 5.81
CA PRO A 417 -0.53 -8.02 4.53
C PRO A 417 0.50 -7.76 3.45
N TRP A 418 1.35 -6.75 3.62
CA TRP A 418 2.40 -6.47 2.66
C TRP A 418 3.75 -7.07 3.05
N ARG A 419 3.83 -7.83 4.15
CA ARG A 419 5.11 -8.35 4.60
C ARG A 419 5.79 -9.23 3.55
N ASP A 420 5.02 -10.04 2.83
CA ASP A 420 5.63 -11.04 1.99
C ASP A 420 6.00 -10.49 0.62
N SER A 421 5.88 -9.17 0.44
CA SER A 421 6.49 -8.47 -0.69
C SER A 421 7.78 -7.76 -0.30
N GLY A 422 8.23 -7.92 0.96
CA GLY A 422 9.31 -7.09 1.49
C GLY A 422 10.48 -7.92 2.01
N VAL A 423 11.47 -7.27 2.61
CA VAL A 423 12.69 -7.97 2.95
C VAL A 423 12.49 -8.95 4.10
N SER A 424 11.40 -8.84 4.87
CA SER A 424 11.10 -9.77 5.95
C SER A 424 10.08 -10.83 5.52
N SER A 425 9.87 -11.01 4.21
CA SER A 425 8.98 -12.05 3.72
C SER A 425 9.45 -13.45 4.16
N THR A 426 8.51 -14.27 4.65
CA THR A 426 8.87 -15.65 4.98
C THR A 426 9.12 -16.49 3.74
N PHE A 427 8.82 -15.96 2.57
CA PHE A 427 9.00 -16.67 1.31
C PHE A 427 10.15 -16.12 0.50
N ARG A 428 10.89 -15.17 1.06
CA ARG A 428 12.07 -14.67 0.39
C ARG A 428 13.13 -15.76 0.35
N PRO A 429 13.77 -15.99 -0.80
CA PRO A 429 14.82 -17.02 -0.87
C PRO A 429 15.93 -16.71 0.12
N GLY A 430 16.39 -17.76 0.79
CA GLY A 430 17.38 -17.56 1.82
C GLY A 430 16.80 -17.05 3.13
N GLY A 431 15.49 -16.92 3.19
CA GLY A 431 14.80 -16.49 4.37
C GLY A 431 14.78 -14.98 4.51
N PRO A 432 14.02 -14.50 5.50
CA PRO A 432 13.94 -13.05 5.76
C PRO A 432 15.30 -12.45 6.03
N LEU A 433 15.44 -11.17 5.71
CA LEU A 433 16.70 -10.48 5.91
C LEU A 433 17.13 -10.57 7.37
N VAL A 434 18.42 -10.87 7.60
CA VAL A 434 18.97 -10.93 8.96
C VAL A 434 19.51 -9.55 9.30
N SER A 435 19.08 -9.01 10.45
CA SER A 435 19.52 -7.67 10.85
C SER A 435 21.02 -7.63 11.12
N THR A 436 21.65 -6.53 10.72
CA THR A 436 23.05 -6.27 11.03
C THR A 436 23.18 -4.83 11.50
N ALA A 437 24.32 -4.51 12.11
CA ALA A 437 24.55 -3.13 12.51
C ALA A 437 24.55 -2.19 11.31
N ASN A 438 25.14 -2.61 10.19
CA ASN A 438 25.16 -1.78 8.99
C ASN A 438 23.76 -1.61 8.40
N GLU A 439 22.93 -2.64 8.50
CA GLU A 439 21.62 -2.64 7.87
C GLU A 439 20.60 -3.25 8.81
N PRO A 440 20.06 -2.46 9.73
CA PRO A 440 19.11 -3.00 10.71
C PRO A 440 17.76 -3.27 10.11
N VAL A 441 17.11 -4.32 10.62
CA VAL A 441 15.72 -4.61 10.28
C VAL A 441 15.03 -5.09 11.56
N GLN A 442 13.84 -4.55 11.82
CA GLN A 442 13.05 -4.96 12.98
C GLN A 442 11.68 -5.38 12.49
N ILE A 443 11.13 -6.43 13.12
CA ILE A 443 9.76 -6.85 12.87
C ILE A 443 8.97 -6.54 14.13
N ILE A 444 7.92 -5.74 13.99
CA ILE A 444 7.04 -5.43 15.11
C ILE A 444 6.19 -6.65 15.42
N PRO A 445 6.27 -7.22 16.63
CA PRO A 445 5.40 -8.37 16.96
C PRO A 445 3.93 -7.98 16.97
N GLY A 446 3.11 -8.83 16.35
CA GLY A 446 1.70 -8.53 16.19
C GLY A 446 1.46 -7.34 15.29
N GLY A 447 2.51 -6.85 14.63
CA GLY A 447 2.38 -5.61 13.88
C GLY A 447 1.52 -5.74 12.64
N PHE A 448 0.93 -4.60 12.24
CA PHE A 448 0.10 -4.53 11.05
C PHE A 448 0.84 -3.77 9.93
N HIS A 449 0.15 -2.89 9.22
CA HIS A 449 0.74 -2.13 8.11
C HIS A 449 1.25 -0.80 8.63
N CYS A 450 2.56 -0.57 8.54
CA CYS A 450 3.15 0.70 8.93
C CYS A 450 2.84 1.06 10.38
N SER A 451 2.91 0.07 11.28
CA SER A 451 2.46 0.34 12.63
C SER A 451 3.40 1.27 13.38
N ASP A 452 4.63 1.46 12.90
CA ASP A 452 5.49 2.38 13.63
C ASP A 452 5.30 3.83 13.20
N LEU A 453 4.46 4.09 12.20
CA LEU A 453 4.29 5.47 11.72
C LEU A 453 3.43 6.33 12.63
N TYR A 454 2.48 5.74 13.33
CA TYR A 454 1.45 6.45 14.09
C TYR A 454 1.78 6.32 15.56
N MET A 455 1.95 7.46 16.22
CA MET A 455 2.49 7.43 17.57
C MET A 455 1.46 6.94 18.56
N GLU A 456 0.17 6.97 18.21
CA GLU A 456 -0.82 6.31 19.07
C GLU A 456 -0.46 4.85 19.29
N ASP A 457 0.10 4.17 18.26
CA ASP A 457 0.59 2.81 18.46
C ASP A 457 1.75 2.78 19.44
N TYR A 458 2.60 3.81 19.41
CA TYR A 458 3.76 3.83 20.29
C TYR A 458 3.31 3.80 21.75
N TYR A 459 2.34 4.64 22.10
CA TYR A 459 1.87 4.72 23.47
C TYR A 459 1.00 3.52 23.85
N ALA A 460 0.37 2.89 22.87
CA ALA A 460 -0.53 1.78 23.15
C ALA A 460 0.19 0.44 23.27
N ASN A 461 1.41 0.29 22.74
CA ASN A 461 2.00 -1.03 22.60
C ASN A 461 3.49 -0.97 22.86
N GLU A 462 3.96 -1.80 23.80
CA GLU A 462 5.37 -1.75 24.19
C GLU A 462 6.28 -2.31 23.10
N GLY A 463 5.78 -3.29 22.34
CA GLY A 463 6.53 -3.77 21.18
C GLY A 463 6.82 -2.70 20.16
N VAL A 464 5.81 -1.85 19.88
CA VAL A 464 6.02 -0.71 18.99
C VAL A 464 6.99 0.29 19.61
N ARG A 465 6.82 0.58 20.90
CA ARG A 465 7.73 1.50 21.55
C ARG A 465 9.18 1.03 21.41
N LYS A 466 9.43 -0.27 21.54
CA LYS A 466 10.81 -0.76 21.44
C LYS A 466 11.35 -0.56 20.02
N VAL A 467 10.50 -0.79 19.03
CA VAL A 467 10.93 -0.65 17.64
C VAL A 467 11.15 0.82 17.30
N VAL A 468 10.23 1.70 17.70
CA VAL A 468 10.38 3.12 17.40
C VAL A 468 11.62 3.68 18.10
N ASP A 469 11.78 3.36 19.38
CA ASP A 469 12.95 3.83 20.11
C ASP A 469 14.25 3.45 19.40
N ASN A 470 14.31 2.20 18.91
CA ASN A 470 15.54 1.72 18.27
C ASN A 470 15.81 2.47 16.97
N GLU A 471 14.78 2.63 16.13
CA GLU A 471 15.03 3.27 14.85
C GLU A 471 15.27 4.77 15.01
N VAL A 472 14.65 5.43 15.99
CA VAL A 472 14.95 6.84 16.23
C VAL A 472 16.40 7.00 16.68
N LYS A 473 16.88 6.13 17.56
CA LYS A 473 18.30 6.25 17.93
C LYS A 473 19.23 5.95 16.76
N GLN A 474 18.83 5.02 15.89
CA GLN A 474 19.68 4.72 14.74
C GLN A 474 19.74 5.90 13.78
N ILE A 475 18.57 6.50 13.48
CA ILE A 475 18.55 7.68 12.63
C ILE A 475 19.39 8.80 13.24
N LYS A 476 19.23 9.06 14.54
CA LYS A 476 20.03 10.14 15.14
C LYS A 476 21.54 9.84 15.04
N GLU A 477 21.93 8.58 15.28
CA GLU A 477 23.34 8.23 15.19
C GLU A 477 23.87 8.46 13.79
N TRP A 478 23.11 8.01 12.78
CA TRP A 478 23.54 8.17 11.39
C TRP A 478 23.61 9.65 11.02
N VAL A 479 22.62 10.44 11.46
CA VAL A 479 22.62 11.87 11.13
C VAL A 479 23.81 12.57 11.78
N GLU A 480 24.14 12.22 13.04
CA GLU A 480 25.31 12.84 13.67
C GLU A 480 26.57 12.60 12.84
N GLU A 481 26.67 11.44 12.19
CA GLU A 481 27.86 11.17 11.37
C GLU A 481 28.05 12.20 10.26
N TYR A 482 26.95 12.82 9.82
CA TYR A 482 27.06 13.90 8.85
C TYR A 482 27.88 15.06 9.40
N TYR A 483 27.71 15.38 10.68
CA TYR A 483 28.37 16.55 11.24
C TYR A 483 29.73 16.25 11.86
N ALA A 484 30.03 14.99 12.15
CA ALA A 484 31.29 14.60 12.80
C ALA A 484 32.49 14.73 11.87
C1 NAG B . -13.34 -17.99 18.54
C2 NAG B . -11.98 -17.25 18.76
C3 NAG B . -12.17 -16.01 19.60
C4 NAG B . -13.29 -15.12 19.07
C5 NAG B . -14.57 -15.95 18.91
C6 NAG B . -15.74 -15.18 18.33
C7 NAG B . -10.20 -18.97 18.79
C8 NAG B . -9.31 -19.81 19.66
N2 NAG B . -11.03 -18.14 19.43
O3 NAG B . -10.93 -15.33 19.70
O4 NAG B . -13.59 -14.12 20.02
O5 NAG B . -14.32 -17.05 18.04
O6 NAG B . -15.41 -14.55 17.10
O7 NAG B . -10.16 -19.04 17.56
C1 NAG B . -13.24 -12.82 19.60
C2 NAG B . -13.85 -11.77 20.53
C3 NAG B . -13.30 -10.37 20.21
C4 NAG B . -11.79 -10.37 20.13
C5 NAG B . -11.33 -11.41 19.13
C6 NAG B . -9.84 -11.52 18.92
C7 NAG B . -16.14 -12.15 21.41
C8 NAG B . -15.49 -12.59 22.66
N2 NAG B . -15.31 -11.76 20.43
O3 NAG B . -13.75 -9.41 21.18
O4 NAG B . -11.38 -9.09 19.66
O5 NAG B . -11.78 -12.70 19.60
O6 NAG B . -9.15 -11.93 20.09
O7 NAG B . -17.37 -12.12 21.30
C1 BMA B . -10.57 -8.41 20.63
C2 BMA B . -9.75 -7.38 19.88
C3 BMA B . -8.85 -6.66 20.91
C4 BMA B . -9.64 -6.16 22.13
C5 BMA B . -10.63 -7.24 22.66
C6 BMA B . -11.59 -6.63 23.62
O2 BMA B . -10.60 -6.39 19.30
O3 BMA B . -8.21 -5.54 20.33
O4 BMA B . -8.75 -5.80 23.18
O5 BMA B . -11.37 -7.77 21.57
O6 BMA B . -12.36 -7.69 24.18
C1 MAN B . -6.86 -5.40 20.79
C2 MAN B . -6.59 -3.93 20.64
C3 MAN B . -6.62 -3.59 19.13
C4 MAN B . -5.64 -4.46 18.37
C5 MAN B . -5.94 -5.96 18.61
C6 MAN B . -4.99 -6.98 17.97
O2 MAN B . -5.26 -3.58 21.05
O3 MAN B . -6.31 -2.24 18.95
O4 MAN B . -5.75 -4.15 16.94
O5 MAN B . -5.95 -6.22 20.03
O6 MAN B . -3.63 -6.58 18.21
C1 MAN B . -5.13 -3.25 22.45
C2 MAN B . -3.82 -2.47 22.58
C3 MAN B . -2.70 -3.37 22.14
C4 MAN B . -2.67 -4.56 23.00
C5 MAN B . -4.03 -5.30 22.94
C6 MAN B . -4.13 -6.34 24.01
O2 MAN B . -3.51 -2.11 23.92
O3 MAN B . -1.41 -2.69 22.25
O4 MAN B . -1.66 -5.42 22.55
O5 MAN B . -5.09 -4.41 23.19
O6 MAN B . -4.67 -7.52 23.42
C1 MAN B . -4.26 -0.94 24.29
C2 MAN B . -3.41 -0.18 25.33
C3 MAN B . -3.26 -1.04 26.59
C4 MAN B . -4.64 -1.59 27.09
C5 MAN B . -5.44 -2.23 25.94
C6 MAN B . -6.84 -2.62 26.35
O2 MAN B . -4.04 1.05 25.71
O3 MAN B . -2.57 -0.34 27.64
O4 MAN B . -4.43 -2.59 28.08
O5 MAN B . -5.52 -1.29 24.83
O6 MAN B . -6.79 -4.00 26.70
C1 NAG C . -29.34 -8.15 0.55
C2 NAG C . -30.33 -7.52 1.57
C3 NAG C . -31.65 -7.14 0.90
C4 NAG C . -31.41 -6.32 -0.35
C5 NAG C . -30.44 -7.07 -1.26
C6 NAG C . -30.10 -6.33 -2.51
C7 NAG C . -30.02 -8.17 3.91
C8 NAG C . -30.28 -9.22 4.96
N2 NAG C . -30.53 -8.41 2.70
O3 NAG C . -32.42 -6.38 1.82
O4 NAG C . -32.62 -6.17 -1.08
O5 NAG C . -29.21 -7.31 -0.57
O6 NAG C . -29.62 -7.26 -3.48
O7 NAG C . -29.37 -7.17 4.15
C1 NAG C . -33.25 -4.89 -0.89
C2 NAG C . -34.23 -4.69 -2.02
C3 NAG C . -34.94 -3.35 -1.84
C4 NAG C . -35.64 -3.32 -0.48
C5 NAG C . -34.66 -3.67 0.65
C6 NAG C . -35.36 -3.92 1.97
C7 NAG C . -33.49 -5.91 -4.04
C8 NAG C . -34.09 -7.13 -3.43
N2 NAG C . -33.58 -4.77 -3.32
O3 NAG C . -35.87 -3.16 -2.88
O4 NAG C . -36.18 -2.03 -0.23
O5 NAG C . -33.94 -4.88 0.35
O6 NAG C . -34.47 -3.72 3.05
O7 NAG C . -32.95 -5.93 -5.15
C1 NAG D . 5.85 16.02 20.89
C2 NAG D . 6.49 15.10 21.93
C3 NAG D . 6.19 15.60 23.34
C4 NAG D . 6.63 17.04 23.48
C5 NAG D . 5.98 17.90 22.41
C6 NAG D . 6.47 19.34 22.42
C7 NAG D . 6.84 12.76 21.27
C8 NAG D . 6.21 11.40 21.13
N2 NAG D . 6.04 13.72 21.76
O3 NAG D . 6.88 14.78 24.26
O4 NAG D . 6.26 17.53 24.76
O5 NAG D . 6.29 17.38 21.11
O6 NAG D . 5.59 20.17 23.16
O7 NAG D . 8.00 12.97 20.94
C1 NAG E . -21.98 -0.71 -17.85
C2 NAG E . -23.40 -0.98 -17.34
C3 NAG E . -24.38 -0.03 -18.02
C4 NAG E . -23.96 1.41 -17.73
C5 NAG E . -22.49 1.66 -18.13
C6 NAG E . -21.99 2.99 -17.63
C7 NAG E . -24.06 -3.23 -16.55
C8 NAG E . -24.47 -4.61 -16.94
N2 NAG E . -23.82 -2.37 -17.55
O3 NAG E . -25.69 -0.25 -17.49
O4 NAG E . -24.83 2.33 -18.40
O5 NAG E . -21.62 0.66 -17.56
O6 NAG E . -22.14 3.12 -16.22
O7 NAG E . -23.93 -2.90 -15.37
#